data_2BIB
#
_entry.id   2BIB
#
_cell.length_a   173.490
_cell.length_b   58.120
_cell.length_c   68.650
_cell.angle_alpha   90.00
_cell.angle_beta   108.29
_cell.angle_gamma   90.00
#
_symmetry.space_group_name_H-M   'C 1 2 1'
#
loop_
_entity.id
_entity.type
_entity.pdbx_description
1 polymer 'TEICHOIC ACID PHOSPHORYLCHOLINE ESTERASE/ CHOLINE BINDING PROTEIN'
2 non-polymer PHOSPHOCHOLINE
3 non-polymer 2-[BIS-(2-HYDROXY-ETHYL)-AMINO]-2-HYDROXYMETHYL-PROPANE-1,3-DIOL
4 non-polymer 'ZINC ION'
5 non-polymer 'CALCIUM ION'
6 water water
#
_entity_poly.entity_id   1
_entity_poly.type   'polypeptide(L)'
_entity_poly.pdbx_seq_one_letter_code
;QESSGNKIHFINVQEGGSDAIILESNGHFAMVDTGEDYDFPDGSDSRYPWREGIETSYKHVLTDRVFRRLKELSVQKLDF
ILVTHTHSDHIGNVDELLSTYPVDRVYLKKYSDSRITNSERLWDNLYGYDKVLQTATETGVSVIQNITQGDAHFQFGDMD
IQLYNYENETDSSGELKKIWDDNSNSLISVVKVNGKKIYLGGDLDNVHGAEDKYGPLIGKVDLMKFNHHHDTNKSNTKDF
IKNLSPSLIVQTSDSLPWKNGVDSEYVNWLKERGIERINAASKDYDATVFDIRKDGFVNISTSYKPIPSFQAGWHKSAYG
NWWYQAPDSTGEYAVGWNEIEGEWYYFNQTGILLQNQWKKWNNHWFYLTDSGASAKNWKKIDGIWYYFNKENQMEIGWVQ
DKEQWYYLDVDGSMKTGWLQYMGQWYYFAPSGEMKMGWVKDKETWYYMDSTGVMKTGEIEVAGQHYYLEDSGAMKQGWHK
KANDWYFYKTDGSRAVGWIKDKDKWYFLKENGQLLVNGKTPEGYTVDSSGAWLVDVSIEKSATIKTT
;
_entity_poly.pdbx_strand_id   A
#
# COMPACT_ATOMS: atom_id res chain seq x y z
N GLN A 1 -34.38 -6.86 40.98
CA GLN A 1 -34.42 -8.25 41.54
C GLN A 1 -33.00 -8.70 41.90
N GLU A 2 -32.43 -9.60 41.09
CA GLU A 2 -31.08 -10.11 41.28
C GLU A 2 -30.59 -10.87 40.05
N SER A 3 -30.09 -10.13 39.08
CA SER A 3 -29.35 -10.74 37.97
C SER A 3 -27.86 -10.77 38.35
N SER A 4 -27.06 -11.43 37.53
CA SER A 4 -25.62 -11.54 37.79
C SER A 4 -24.84 -10.28 37.36
N GLY A 5 -25.51 -9.31 36.75
CA GLY A 5 -24.87 -8.05 36.46
C GLY A 5 -25.00 -7.53 35.04
N ASN A 6 -24.82 -6.23 34.90
CA ASN A 6 -24.87 -5.58 33.60
C ASN A 6 -23.60 -4.76 33.41
N LYS A 7 -22.86 -5.08 32.36
CA LYS A 7 -21.56 -4.46 32.13
C LYS A 7 -21.36 -4.12 30.64
N ILE A 8 -20.51 -3.13 30.38
CA ILE A 8 -20.07 -2.82 29.03
C ILE A 8 -18.54 -2.70 29.01
N HIS A 9 -17.92 -3.49 28.14
CA HIS A 9 -16.48 -3.50 27.92
C HIS A 9 -16.21 -2.78 26.59
N PHE A 10 -15.61 -1.60 26.66
CA PHE A 10 -15.06 -0.97 25.46
C PHE A 10 -13.62 -1.50 25.30
N ILE A 11 -13.38 -2.35 24.29
CA ILE A 11 -12.00 -2.83 24.07
C ILE A 11 -11.06 -1.65 23.84
N ASN A 12 -9.94 -1.64 24.56
CA ASN A 12 -8.96 -0.57 24.48
C ASN A 12 -8.09 -0.66 23.24
N VAL A 13 -7.87 0.47 22.61
CA VAL A 13 -6.88 0.56 21.53
C VAL A 13 -5.48 0.64 22.12
N GLN A 14 -4.49 0.21 21.34
CA GLN A 14 -3.11 0.52 21.65
C GLN A 14 -2.91 1.98 21.30
N GLU A 15 -3.34 2.33 20.10
CA GLU A 15 -3.31 3.70 19.59
C GLU A 15 -4.25 3.80 18.40
N GLY A 16 -4.54 5.03 17.98
CA GLY A 16 -5.48 5.26 16.89
C GLY A 16 -6.90 5.00 17.38
N GLY A 17 -7.80 4.63 16.48
CA GLY A 17 -9.18 4.44 16.83
C GLY A 17 -9.76 3.19 16.24
N SER A 18 -10.56 2.49 17.05
CA SER A 18 -11.24 1.27 16.64
C SER A 18 -12.30 0.90 17.67
N ASP A 19 -13.43 0.38 17.19
CA ASP A 19 -14.59 0.04 18.04
C ASP A 19 -14.76 -1.47 18.15
N ALA A 20 -14.67 -1.99 19.37
CA ALA A 20 -15.16 -3.34 19.67
C ALA A 20 -15.74 -3.27 21.07
N ILE A 21 -17.02 -3.61 21.20
CA ILE A 21 -17.76 -3.39 22.45
C ILE A 21 -18.44 -4.68 22.86
N ILE A 22 -18.21 -5.13 24.08
CA ILE A 22 -18.91 -6.32 24.58
C ILE A 22 -20.02 -5.89 25.53
N LEU A 23 -21.25 -6.31 25.24
CA LEU A 23 -22.33 -6.14 26.20
C LEU A 23 -22.48 -7.41 27.03
N GLU A 24 -22.50 -7.25 28.35
CA GLU A 24 -22.66 -8.37 29.28
C GLU A 24 -23.90 -8.09 30.11
N SER A 25 -24.87 -9.00 30.06
CA SER A 25 -26.11 -8.83 30.82
C SER A 25 -26.66 -10.16 31.30
N ASN A 26 -26.54 -10.40 32.61
CA ASN A 26 -27.11 -11.60 33.23
C ASN A 26 -26.69 -12.89 32.51
N GLY A 27 -25.39 -13.00 32.21
CA GLY A 27 -24.85 -14.21 31.59
C GLY A 27 -25.04 -14.29 30.08
N HIS A 28 -25.64 -13.26 29.49
CA HIS A 28 -25.74 -13.10 28.05
C HIS A 28 -24.62 -12.18 27.53
N PHE A 29 -24.11 -12.49 26.35
CA PHE A 29 -23.02 -11.74 25.72
C PHE A 29 -23.40 -11.39 24.28
N ALA A 30 -23.01 -10.19 23.87
CA ALA A 30 -23.21 -9.73 22.51
C ALA A 30 -22.13 -8.71 22.19
N MET A 31 -21.99 -8.39 20.91
CA MET A 31 -21.01 -7.37 20.57
C MET A 31 -21.61 -6.30 19.66
N VAL A 32 -21.13 -5.07 19.88
CA VAL A 32 -21.46 -3.92 19.04
C VAL A 32 -20.10 -3.57 18.38
N ASP A 33 -19.99 -3.96 17.10
CA ASP A 33 -18.78 -3.85 16.28
C ASP A 33 -17.81 -4.96 16.80
N THR A 34 -16.59 -5.04 16.26
CA THR A 34 -15.65 -6.14 16.62
C THR A 34 -14.17 -5.76 16.51
N GLY A 35 -13.88 -4.50 16.21
CA GLY A 35 -12.52 -4.02 16.11
C GLY A 35 -11.76 -4.40 14.86
N GLU A 36 -10.59 -3.80 14.69
CA GLU A 36 -9.68 -4.12 13.58
C GLU A 36 -9.12 -5.52 13.70
N ASP A 37 -9.04 -6.21 12.56
CA ASP A 37 -8.45 -7.56 12.46
C ASP A 37 -7.14 -7.55 11.72
N TYR A 38 -6.31 -8.56 12.00
CA TYR A 38 -5.08 -8.78 11.24
C TYR A 38 -5.28 -8.81 9.73
N ASP A 39 -6.28 -9.57 9.30
CA ASP A 39 -6.55 -9.80 7.88
C ASP A 39 -6.75 -8.52 7.09
N PHE A 40 -6.42 -8.59 5.81
CA PHE A 40 -6.66 -7.50 4.85
C PHE A 40 -6.52 -8.08 3.44
N PRO A 41 -7.12 -7.48 2.41
CA PRO A 41 -6.91 -7.94 1.04
C PRO A 41 -5.59 -7.42 0.46
N ASP A 42 -4.81 -8.27 -0.20
CA ASP A 42 -3.51 -7.83 -0.71
C ASP A 42 -3.52 -7.42 -2.19
N GLY A 43 -4.69 -7.46 -2.81
CA GLY A 43 -4.81 -7.04 -4.20
C GLY A 43 -4.80 -8.21 -5.16
N SER A 44 -4.52 -9.40 -4.67
CA SER A 44 -4.47 -10.56 -5.55
C SER A 44 -5.85 -10.92 -6.08
N ASP A 45 -6.90 -10.51 -5.37
CA ASP A 45 -8.27 -10.72 -5.82
C ASP A 45 -8.80 -9.40 -6.41
N SER A 46 -9.11 -9.38 -7.71
CA SER A 46 -9.57 -8.15 -8.41
C SER A 46 -10.88 -7.50 -7.86
N ARG A 47 -11.70 -8.27 -7.16
CA ARG A 47 -12.86 -7.73 -6.44
C ARG A 47 -12.43 -6.79 -5.30
N TYR A 48 -11.25 -7.05 -4.72
CA TYR A 48 -10.78 -6.33 -3.54
C TYR A 48 -9.38 -5.83 -3.79
N PRO A 49 -9.24 -4.82 -4.66
CA PRO A 49 -7.93 -4.34 -5.06
C PRO A 49 -7.27 -3.60 -3.91
N TRP A 50 -5.93 -3.55 -3.93
CA TRP A 50 -5.21 -2.79 -2.95
C TRP A 50 -5.52 -1.32 -3.17
N ARG A 51 -5.81 -0.62 -2.09
CA ARG A 51 -6.09 0.82 -2.15
C ARG A 51 -5.30 1.46 -1.02
N GLU A 52 -4.71 2.63 -1.27
CA GLU A 52 -4.01 3.40 -0.22
C GLU A 52 -4.86 3.55 1.04
N GLY A 53 -4.25 3.31 2.20
CA GLY A 53 -4.94 3.51 3.45
C GLY A 53 -5.52 2.24 4.10
N ILE A 54 -5.56 1.12 3.39
CA ILE A 54 -6.02 -0.13 4.00
C ILE A 54 -5.11 -0.45 5.21
N GLU A 55 -5.71 -0.73 6.36
CA GLU A 55 -4.94 -1.04 7.60
C GLU A 55 -4.08 -2.32 7.52
N THR A 56 -2.79 -2.20 7.84
CA THR A 56 -1.90 -3.38 8.00
C THR A 56 -0.99 -3.32 9.25
N SER A 57 -1.18 -2.32 10.11
CA SER A 57 -0.33 -2.17 11.30
C SER A 57 -0.82 -2.93 12.54
N TYR A 58 0.07 -3.71 13.14
CA TYR A 58 -0.19 -4.42 14.40
C TYR A 58 -0.61 -3.49 15.55
N LYS A 59 -0.20 -2.22 15.48
CA LYS A 59 -0.60 -1.19 16.45
C LYS A 59 -2.09 -0.89 16.42
N HIS A 60 -2.75 -1.21 15.30
CA HIS A 60 -4.18 -0.94 15.14
C HIS A 60 -5.06 -2.19 15.20
N VAL A 61 -4.46 -3.37 15.39
CA VAL A 61 -5.24 -4.64 15.42
C VAL A 61 -5.82 -4.94 16.80
N LEU A 62 -7.13 -5.16 16.85
CA LEU A 62 -7.78 -5.44 18.12
C LEU A 62 -8.07 -6.92 18.34
N THR A 63 -7.67 -7.78 17.40
CA THR A 63 -7.99 -9.22 17.47
C THR A 63 -7.56 -9.88 18.80
N ASP A 64 -6.31 -9.72 19.19
CA ASP A 64 -5.83 -10.34 20.43
C ASP A 64 -6.68 -9.91 21.62
N ARG A 65 -6.92 -8.60 21.71
CA ARG A 65 -7.66 -8.04 22.84
C ARG A 65 -9.11 -8.55 22.88
N VAL A 66 -9.76 -8.60 21.72
CA VAL A 66 -11.15 -9.07 21.64
C VAL A 66 -11.27 -10.51 22.16
N PHE A 67 -10.50 -11.42 21.56
CA PHE A 67 -10.60 -12.84 21.88
C PHE A 67 -10.09 -13.19 23.28
N ARG A 68 -9.09 -12.45 23.77
CA ARG A 68 -8.64 -12.59 25.15
C ARG A 68 -9.76 -12.19 26.12
N ARG A 69 -10.41 -11.06 25.87
CA ARG A 69 -11.53 -10.64 26.75
C ARG A 69 -12.68 -11.64 26.74
N LEU A 70 -13.11 -12.08 25.56
CA LEU A 70 -14.15 -13.11 25.49
C LEU A 70 -13.77 -14.39 26.24
N LYS A 71 -12.55 -14.87 26.05
CA LYS A 71 -12.05 -16.03 26.77
C LYS A 71 -12.03 -15.79 28.29
N GLU A 72 -11.57 -14.61 28.72
CA GLU A 72 -11.52 -14.27 30.13
C GLU A 72 -12.93 -14.18 30.74
N LEU A 73 -13.92 -13.93 29.88
CA LEU A 73 -15.33 -13.88 30.30
C LEU A 73 -16.06 -15.22 30.21
N SER A 74 -15.35 -16.27 29.80
CA SER A 74 -15.98 -17.59 29.63
C SER A 74 -17.21 -17.58 28.69
N VAL A 75 -17.16 -16.73 27.67
CA VAL A 75 -18.25 -16.64 26.69
C VAL A 75 -18.41 -18.00 26.02
N GLN A 76 -19.65 -18.48 25.96
CA GLN A 76 -19.92 -19.75 25.28
C GLN A 76 -20.57 -19.44 23.93
N LYS A 77 -21.33 -18.36 23.89
CA LYS A 77 -22.00 -17.91 22.65
C LYS A 77 -22.31 -16.42 22.72
N LEU A 78 -22.49 -15.82 21.55
CA LEU A 78 -22.89 -14.44 21.40
C LEU A 78 -24.33 -14.38 20.89
N ASP A 79 -25.18 -13.66 21.61
CA ASP A 79 -26.58 -13.55 21.21
C ASP A 79 -26.68 -12.80 19.87
N PHE A 80 -25.85 -11.79 19.67
CA PHE A 80 -25.78 -11.15 18.37
C PHE A 80 -24.46 -10.43 18.18
N ILE A 81 -24.09 -10.22 16.92
CA ILE A 81 -23.10 -9.21 16.61
C ILE A 81 -23.78 -8.09 15.83
N LEU A 82 -23.66 -6.88 16.34
CA LEU A 82 -24.14 -5.73 15.61
C LEU A 82 -22.98 -5.01 14.92
N VAL A 83 -23.08 -4.83 13.60
CA VAL A 83 -22.07 -4.13 12.83
C VAL A 83 -22.57 -2.73 12.46
N THR A 84 -21.85 -1.69 12.86
CA THR A 84 -22.32 -0.33 12.61
C THR A 84 -22.11 0.09 11.17
N HIS A 85 -20.96 -0.28 10.58
CA HIS A 85 -20.63 0.01 9.18
C HIS A 85 -19.46 -0.90 8.72
N THR A 86 -19.03 -0.75 7.47
CA THR A 86 -18.09 -1.73 6.87
C THR A 86 -16.59 -1.42 7.04
N HIS A 87 -16.27 -0.34 7.74
CA HIS A 87 -14.86 0.00 7.97
C HIS A 87 -14.16 -1.09 8.78
N SER A 88 -12.96 -1.47 8.34
CA SER A 88 -12.21 -2.58 8.90
C SER A 88 -12.06 -2.47 10.43
N ASP A 89 -12.01 -1.24 10.96
CA ASP A 89 -11.78 -1.05 12.40
C ASP A 89 -13.06 -1.26 13.24
N HIS A 90 -14.14 -1.64 12.55
CA HIS A 90 -15.43 -1.96 13.16
C HIS A 90 -15.87 -3.40 12.82
N ILE A 91 -15.83 -3.74 11.53
CA ILE A 91 -16.27 -5.04 11.02
C ILE A 91 -15.17 -6.12 11.04
N GLY A 92 -13.95 -5.72 11.37
CA GLY A 92 -12.79 -6.56 11.13
C GLY A 92 -12.83 -7.98 11.66
N ASN A 93 -13.19 -8.16 12.92
CA ASN A 93 -13.19 -9.50 13.51
C ASN A 93 -14.49 -10.29 13.44
N VAL A 94 -15.47 -9.84 12.67
CA VAL A 94 -16.76 -10.54 12.63
C VAL A 94 -16.62 -11.96 12.13
N ASP A 95 -15.94 -12.14 10.99
CA ASP A 95 -15.82 -13.49 10.44
C ASP A 95 -15.04 -14.41 11.38
N GLU A 96 -13.95 -13.91 11.96
CA GLU A 96 -13.17 -14.69 12.94
C GLU A 96 -14.05 -15.08 14.15
N LEU A 97 -14.91 -14.16 14.60
CA LEU A 97 -15.83 -14.46 15.70
C LEU A 97 -16.87 -15.52 15.32
N LEU A 98 -17.46 -15.37 14.11
CA LEU A 98 -18.42 -16.37 13.61
C LEU A 98 -17.79 -17.76 13.47
N SER A 99 -16.51 -17.80 13.12
CA SER A 99 -15.74 -19.05 13.05
C SER A 99 -15.42 -19.63 14.44
N THR A 100 -15.51 -18.82 15.49
CA THR A 100 -15.06 -19.22 16.83
C THR A 100 -16.20 -19.53 17.81
N TYR A 101 -17.23 -18.68 17.79
CA TYR A 101 -18.35 -18.80 18.71
C TYR A 101 -19.63 -19.01 17.96
N PRO A 102 -20.56 -19.78 18.53
CA PRO A 102 -21.94 -19.79 18.03
C PRO A 102 -22.54 -18.38 18.16
N VAL A 103 -23.21 -17.92 17.12
CA VAL A 103 -23.80 -16.58 17.11
C VAL A 103 -25.23 -16.72 16.63
N ASP A 104 -26.19 -16.13 17.35
CA ASP A 104 -27.60 -16.29 17.00
C ASP A 104 -28.01 -15.47 15.77
N ARG A 105 -27.42 -14.29 15.62
CA ARG A 105 -27.73 -13.40 14.50
C ARG A 105 -26.71 -12.27 14.38
N VAL A 106 -26.59 -11.72 13.16
CA VAL A 106 -25.76 -10.55 12.88
C VAL A 106 -26.64 -9.48 12.26
N TYR A 107 -26.53 -8.25 12.76
CA TYR A 107 -27.16 -7.10 12.15
C TYR A 107 -26.15 -6.45 11.23
N LEU A 108 -26.51 -6.35 9.95
CA LEU A 108 -25.60 -5.82 8.94
C LEU A 108 -26.35 -5.12 7.83
N LYS A 109 -26.30 -3.79 7.83
CA LYS A 109 -26.96 -3.04 6.79
C LYS A 109 -26.31 -3.27 5.43
N LYS A 110 -27.07 -3.03 4.37
CA LYS A 110 -26.55 -3.19 3.02
C LYS A 110 -25.41 -2.25 2.72
N TYR A 111 -24.41 -2.77 1.99
CA TYR A 111 -23.30 -1.99 1.48
C TYR A 111 -23.00 -2.41 0.03
N SER A 112 -22.55 -1.47 -0.77
CA SER A 112 -21.85 -1.77 -2.02
C SER A 112 -20.88 -0.63 -2.30
N ASP A 113 -19.82 -0.91 -3.04
CA ASP A 113 -18.78 0.11 -3.30
C ASP A 113 -19.38 1.28 -4.07
N SER A 114 -20.36 0.96 -4.90
CA SER A 114 -21.09 1.92 -5.70
C SER A 114 -21.81 3.03 -4.93
N ARG A 115 -22.21 2.76 -3.70
CA ARG A 115 -23.00 3.76 -2.98
C ARG A 115 -22.13 4.84 -2.30
N ILE A 116 -20.81 4.67 -2.37
CA ILE A 116 -19.86 5.62 -1.78
C ILE A 116 -19.38 6.55 -2.88
N THR A 117 -19.59 7.85 -2.71
CA THR A 117 -19.32 8.80 -3.81
C THR A 117 -17.83 8.99 -4.08
N ASN A 118 -17.01 8.76 -3.07
CA ASN A 118 -15.58 8.98 -3.15
C ASN A 118 -14.82 7.66 -3.32
N SER A 119 -14.18 7.51 -4.48
CA SER A 119 -13.20 6.45 -4.77
C SER A 119 -12.15 6.25 -3.69
N GLU A 120 -11.75 7.34 -3.05
CA GLU A 120 -10.66 7.29 -2.04
C GLU A 120 -11.10 6.77 -0.67
N ARG A 121 -12.36 6.41 -0.54
CA ARG A 121 -12.93 5.97 0.75
C ARG A 121 -13.56 4.57 0.62
N LEU A 122 -12.96 3.73 -0.23
CA LEU A 122 -13.45 2.37 -0.44
C LEU A 122 -12.61 1.36 0.31
N TRP A 123 -11.30 1.63 0.37
CA TRP A 123 -10.36 0.81 1.13
C TRP A 123 -10.64 -0.70 0.95
N ASP A 124 -10.81 -1.40 2.08
CA ASP A 124 -11.25 -2.79 2.09
C ASP A 124 -12.63 -2.98 2.73
N ASN A 125 -13.53 -2.01 2.50
CA ASN A 125 -14.90 -2.07 3.02
C ASN A 125 -15.61 -3.34 2.50
N LEU A 126 -15.54 -3.56 1.19
CA LEU A 126 -16.27 -4.66 0.57
C LEU A 126 -15.71 -6.00 1.02
N TYR A 127 -14.40 -6.08 1.11
CA TYR A 127 -13.75 -7.29 1.63
C TYR A 127 -14.31 -7.66 3.01
N GLY A 128 -14.46 -6.67 3.87
CA GLY A 128 -14.92 -6.92 5.22
C GLY A 128 -16.39 -7.31 5.25
N TYR A 129 -17.18 -6.60 4.45
CA TYR A 129 -18.61 -6.85 4.25
C TYR A 129 -18.87 -8.27 3.70
N ASP A 130 -18.17 -8.65 2.65
CA ASP A 130 -18.35 -10.00 2.07
C ASP A 130 -17.96 -11.12 3.04
N LYS A 131 -16.93 -10.88 3.85
CA LYS A 131 -16.48 -11.81 4.86
C LYS A 131 -17.59 -12.12 5.83
N VAL A 132 -18.37 -11.09 6.22
CA VAL A 132 -19.46 -11.26 7.16
C VAL A 132 -20.54 -12.12 6.52
N LEU A 133 -20.94 -11.77 5.31
CA LEU A 133 -22.02 -12.52 4.65
C LEU A 133 -21.59 -13.96 4.35
N GLN A 134 -20.37 -14.13 3.83
CA GLN A 134 -19.87 -15.45 3.46
C GLN A 134 -19.68 -16.37 4.65
N THR A 135 -19.04 -15.85 5.68
CA THR A 135 -18.77 -16.66 6.86
C THR A 135 -20.05 -16.96 7.66
N ALA A 136 -20.97 -16.01 7.72
CA ALA A 136 -22.24 -16.25 8.39
C ALA A 136 -23.00 -17.39 7.73
N THR A 137 -23.15 -17.36 6.40
CA THR A 137 -23.84 -18.49 5.78
C THR A 137 -23.10 -19.82 5.99
N GLU A 138 -21.78 -19.78 5.98
CA GLU A 138 -20.96 -20.99 6.13
C GLU A 138 -21.05 -21.61 7.54
N THR A 139 -21.40 -20.79 8.54
CA THR A 139 -21.52 -21.23 9.93
C THR A 139 -22.98 -21.27 10.41
N GLY A 140 -23.92 -21.12 9.47
CA GLY A 140 -25.34 -21.29 9.76
C GLY A 140 -26.05 -20.09 10.38
N VAL A 141 -25.46 -18.90 10.29
CA VAL A 141 -25.94 -17.76 11.07
C VAL A 141 -26.74 -16.80 10.20
N SER A 142 -27.93 -16.43 10.67
CA SER A 142 -28.80 -15.51 9.92
C SER A 142 -28.26 -14.08 9.97
N VAL A 143 -28.21 -13.45 8.79
CA VAL A 143 -27.83 -12.06 8.70
C VAL A 143 -29.05 -11.18 8.41
N ILE A 144 -29.34 -10.30 9.37
CA ILE A 144 -30.47 -9.40 9.29
C ILE A 144 -29.99 -8.14 8.57
N GLN A 145 -30.38 -8.01 7.31
CA GLN A 145 -30.00 -6.83 6.50
C GLN A 145 -31.14 -5.87 6.24
N ASN A 146 -32.35 -6.32 6.52
CA ASN A 146 -33.56 -5.55 6.29
C ASN A 146 -34.30 -5.41 7.62
N ILE A 147 -33.76 -4.55 8.46
CA ILE A 147 -34.23 -4.35 9.83
C ILE A 147 -35.56 -3.61 9.79
N THR A 148 -36.60 -4.26 10.31
CA THR A 148 -37.94 -3.66 10.43
C THR A 148 -38.03 -2.88 11.73
N GLN A 149 -39.11 -2.11 11.87
CA GLN A 149 -39.41 -1.42 13.11
C GLN A 149 -39.39 -2.42 14.26
N GLY A 150 -40.03 -3.58 14.04
CA GLY A 150 -40.09 -4.65 15.04
C GLY A 150 -38.70 -5.14 15.41
N ASP A 151 -37.91 -5.47 14.37
CA ASP A 151 -36.51 -5.87 14.50
C ASP A 151 -35.73 -4.88 15.36
N ALA A 152 -36.05 -3.58 15.18
CA ALA A 152 -35.24 -2.50 15.76
C ALA A 152 -35.37 -2.31 17.27
N HIS A 153 -36.31 -3.02 17.89
CA HIS A 153 -36.51 -2.94 19.33
C HIS A 153 -36.58 -4.35 19.90
N PHE A 154 -35.59 -4.70 20.72
CA PHE A 154 -35.46 -6.05 21.26
C PHE A 154 -34.78 -6.09 22.62
N GLN A 155 -34.98 -7.20 23.33
CA GLN A 155 -34.38 -7.40 24.64
C GLN A 155 -33.09 -8.21 24.49
N PHE A 156 -32.11 -7.87 25.33
CA PHE A 156 -30.87 -8.62 25.43
C PHE A 156 -30.59 -8.74 26.92
N GLY A 157 -30.81 -9.92 27.49
CA GLY A 157 -30.68 -10.10 28.93
C GLY A 157 -31.65 -9.17 29.63
N ASP A 158 -31.12 -8.36 30.55
CA ASP A 158 -31.89 -7.30 31.21
C ASP A 158 -31.96 -6.02 30.37
N MET A 159 -31.12 -5.93 29.34
CA MET A 159 -30.99 -4.71 28.55
C MET A 159 -32.10 -4.54 27.53
N ASP A 160 -32.61 -3.32 27.43
CA ASP A 160 -33.56 -2.92 26.41
C ASP A 160 -32.78 -2.19 25.32
N ILE A 161 -32.90 -2.67 24.08
CA ILE A 161 -32.09 -2.13 22.99
C ILE A 161 -32.97 -1.54 21.92
N GLN A 162 -32.71 -0.28 21.60
CA GLN A 162 -33.44 0.37 20.52
C GLN A 162 -32.47 0.87 19.44
N LEU A 163 -32.76 0.53 18.19
CA LEU A 163 -31.91 0.96 17.07
C LEU A 163 -32.46 2.20 16.36
N TYR A 164 -31.54 2.97 15.79
CA TYR A 164 -31.85 4.10 14.93
C TYR A 164 -30.93 4.06 13.71
N ASN A 165 -31.34 4.76 12.65
CA ASN A 165 -30.58 4.78 11.39
C ASN A 165 -30.37 3.36 10.87
N TYR A 166 -31.41 2.52 10.98
CA TYR A 166 -31.31 1.10 10.67
C TYR A 166 -31.80 0.73 9.28
N GLU A 167 -32.55 1.62 8.66
CA GLU A 167 -33.14 1.35 7.35
C GLU A 167 -32.13 1.50 6.24
N ASN A 168 -32.25 0.64 5.23
CA ASN A 168 -31.51 0.81 4.00
C ASN A 168 -32.21 1.90 3.15
N GLU A 169 -31.48 2.97 2.83
CA GLU A 169 -32.09 4.09 2.10
C GLU A 169 -31.85 3.92 0.61
N THR A 170 -32.92 3.85 -0.17
CA THR A 170 -32.81 3.53 -1.59
C THR A 170 -33.47 4.55 -2.49
N ASP A 171 -32.98 4.61 -3.73
CA ASP A 171 -33.56 5.46 -4.77
C ASP A 171 -34.72 4.74 -5.47
N SER A 172 -35.30 5.42 -6.46
CA SER A 172 -36.45 4.93 -7.24
C SER A 172 -36.18 3.58 -7.90
N SER A 173 -34.91 3.34 -8.24
CA SER A 173 -34.50 2.10 -8.89
C SER A 173 -34.14 1.00 -7.88
N GLY A 174 -34.36 1.30 -6.60
CA GLY A 174 -34.10 0.36 -5.52
C GLY A 174 -32.63 0.20 -5.19
N GLU A 175 -31.78 1.03 -5.78
CA GLU A 175 -30.36 1.02 -5.42
C GLU A 175 -30.07 1.99 -4.30
N LEU A 176 -29.03 1.70 -3.53
CA LEU A 176 -28.74 2.47 -2.32
C LEU A 176 -28.44 3.95 -2.57
N LYS A 177 -29.04 4.81 -1.74
CA LYS A 177 -28.74 6.24 -1.78
C LYS A 177 -27.25 6.44 -1.55
N LYS A 178 -26.68 7.42 -2.25
CA LYS A 178 -25.24 7.62 -2.23
C LYS A 178 -24.78 8.46 -1.04
N ILE A 179 -23.64 8.09 -0.45
CA ILE A 179 -23.08 8.83 0.68
C ILE A 179 -21.57 9.00 0.50
N TRP A 180 -21.02 9.99 1.19
CA TRP A 180 -19.60 10.37 1.05
C TRP A 180 -18.62 9.33 1.60
N ASP A 181 -19.11 8.53 2.55
CA ASP A 181 -18.29 7.64 3.35
C ASP A 181 -19.27 6.76 4.12
N ASP A 182 -18.90 5.51 4.36
CA ASP A 182 -19.82 4.61 5.08
C ASP A 182 -20.14 5.02 6.52
N ASN A 183 -19.32 5.91 7.11
CA ASN A 183 -19.60 6.44 8.45
C ASN A 183 -21.02 6.98 8.61
N SER A 184 -21.51 7.67 7.57
CA SER A 184 -22.85 8.27 7.56
C SER A 184 -23.97 7.22 7.71
N ASN A 185 -23.67 6.00 7.26
CA ASN A 185 -24.60 4.86 7.34
C ASN A 185 -24.63 4.15 8.70
N SER A 186 -23.84 4.61 9.67
CA SER A 186 -23.69 3.92 10.98
C SER A 186 -25.01 3.56 11.65
N LEU A 187 -25.15 2.27 11.98
CA LEU A 187 -26.28 1.72 12.72
C LEU A 187 -26.14 2.12 14.19
N ILE A 188 -27.14 2.83 14.69
CA ILE A 188 -27.12 3.38 16.05
C ILE A 188 -27.81 2.40 17.01
N SER A 189 -27.22 2.25 18.18
CA SER A 189 -27.72 1.37 19.21
C SER A 189 -27.88 2.18 20.50
N VAL A 190 -29.08 2.14 21.09
CA VAL A 190 -29.30 2.74 22.41
C VAL A 190 -29.72 1.66 23.42
N VAL A 191 -28.91 1.52 24.46
CA VAL A 191 -29.07 0.46 25.45
C VAL A 191 -29.60 1.03 26.76
N LYS A 192 -30.69 0.45 27.25
CA LYS A 192 -31.34 0.85 28.49
C LYS A 192 -31.30 -0.29 29.50
N VAL A 193 -30.74 -0.01 30.67
CA VAL A 193 -30.75 -0.97 31.79
C VAL A 193 -30.50 -0.26 33.13
N ASN A 194 -31.17 -0.74 34.18
CA ASN A 194 -31.00 -0.21 35.53
C ASN A 194 -31.17 1.30 35.62
N GLY A 195 -32.07 1.85 34.79
CA GLY A 195 -32.34 3.28 34.78
C GLY A 195 -31.36 4.14 34.01
N LYS A 196 -30.40 3.49 33.35
CA LYS A 196 -29.35 4.17 32.60
C LYS A 196 -29.51 3.96 31.09
N LYS A 197 -29.21 5.01 30.32
CA LYS A 197 -29.17 4.93 28.86
C LYS A 197 -27.75 5.12 28.32
N ILE A 198 -27.38 4.25 27.38
CA ILE A 198 -26.07 4.33 26.73
C ILE A 198 -26.25 4.45 25.23
N TYR A 199 -25.66 5.48 24.64
CA TYR A 199 -25.69 5.67 23.20
C TYR A 199 -24.43 5.10 22.56
N LEU A 200 -24.64 4.30 21.51
CA LEU A 200 -23.54 3.70 20.76
C LEU A 200 -23.81 3.94 19.27
N GLY A 201 -23.03 4.84 18.67
CA GLY A 201 -23.32 5.28 17.30
C GLY A 201 -22.25 5.04 16.25
N GLY A 202 -21.35 4.09 16.51
CA GLY A 202 -20.30 3.79 15.53
C GLY A 202 -19.51 5.01 15.11
N ASP A 203 -19.45 5.26 13.79
CA ASP A 203 -18.67 6.38 13.24
C ASP A 203 -19.62 7.45 12.69
N LEU A 204 -20.83 7.55 13.26
CA LEU A 204 -21.87 8.44 12.75
C LEU A 204 -21.34 9.84 12.53
N ASP A 205 -21.70 10.45 11.40
CA ASP A 205 -21.38 11.85 11.20
C ASP A 205 -22.60 12.57 10.71
N ASN A 206 -22.46 13.87 10.52
CA ASN A 206 -23.57 14.73 10.13
C ASN A 206 -23.55 15.16 8.67
N VAL A 207 -22.69 14.56 7.86
CA VAL A 207 -22.58 14.98 6.46
C VAL A 207 -23.93 14.90 5.74
N HIS A 208 -24.68 13.82 5.99
CA HIS A 208 -26.00 13.68 5.40
C HIS A 208 -27.12 13.93 6.42
N GLY A 209 -26.84 14.77 7.41
CA GLY A 209 -27.83 15.22 8.39
C GLY A 209 -28.20 14.27 9.52
N ALA A 210 -27.42 13.20 9.70
CA ALA A 210 -27.77 12.13 10.67
C ALA A 210 -27.79 12.61 12.12
N GLU A 211 -26.88 13.50 12.49
CA GLU A 211 -26.88 13.98 13.87
C GLU A 211 -28.04 14.96 14.11
N ASP A 212 -28.30 15.82 13.13
CA ASP A 212 -29.46 16.71 13.16
C ASP A 212 -30.75 15.91 13.31
N LYS A 213 -30.85 14.81 12.55
CA LYS A 213 -32.04 13.99 12.54
C LYS A 213 -32.20 13.17 13.83
N TYR A 214 -31.19 12.40 14.20
CA TYR A 214 -31.30 11.45 15.31
C TYR A 214 -31.08 11.99 16.72
N GLY A 215 -30.38 13.12 16.82
CA GLY A 215 -30.25 13.84 18.09
C GLY A 215 -31.58 13.99 18.84
N PRO A 216 -32.53 14.72 18.25
CA PRO A 216 -33.88 14.91 18.86
C PRO A 216 -34.64 13.61 19.13
N LEU A 217 -34.46 12.61 18.27
CA LEU A 217 -35.16 11.33 18.42
C LEU A 217 -34.57 10.48 19.55
N ILE A 218 -33.25 10.55 19.71
CA ILE A 218 -32.58 9.78 20.77
C ILE A 218 -32.84 10.42 22.13
N GLY A 219 -32.64 11.72 22.22
CA GLY A 219 -32.85 12.46 23.46
C GLY A 219 -31.81 12.15 24.52
N LYS A 220 -32.11 12.51 25.75
CA LYS A 220 -31.18 12.45 26.88
C LYS A 220 -30.64 11.04 27.14
N VAL A 221 -29.31 10.94 27.24
CA VAL A 221 -28.65 9.68 27.63
C VAL A 221 -27.65 9.94 28.77
N ASP A 222 -27.08 8.88 29.31
CA ASP A 222 -26.08 9.02 30.37
C ASP A 222 -24.63 8.88 29.85
N LEU A 223 -24.36 7.76 29.20
CA LEU A 223 -23.07 7.51 28.60
C LEU A 223 -23.20 7.59 27.09
N MET A 224 -22.35 8.41 26.48
CA MET A 224 -22.25 8.53 25.04
C MET A 224 -20.89 8.04 24.58
N LYS A 225 -20.87 7.02 23.72
CA LYS A 225 -19.66 6.76 22.96
C LYS A 225 -19.52 7.87 21.94
N PHE A 226 -18.36 8.53 21.91
CA PHE A 226 -18.07 9.60 20.95
C PHE A 226 -18.23 9.02 19.54
N ASN A 227 -18.83 9.77 18.63
CA ASN A 227 -18.94 9.31 17.24
C ASN A 227 -17.57 9.39 16.58
N HIS A 228 -17.22 8.38 15.77
CA HIS A 228 -16.01 8.42 14.92
C HIS A 228 -14.72 8.76 15.70
N HIS A 229 -14.56 8.12 16.86
CA HIS A 229 -13.29 8.05 17.61
C HIS A 229 -12.83 9.36 18.27
N HIS A 230 -12.63 10.41 17.47
CA HIS A 230 -12.14 11.68 17.99
C HIS A 230 -12.56 12.89 17.16
N ASP A 231 -13.24 12.67 16.04
CA ASP A 231 -13.47 13.77 15.12
C ASP A 231 -14.52 14.79 15.60
N THR A 232 -14.21 16.07 15.45
CA THR A 232 -15.19 17.14 15.70
C THR A 232 -15.57 17.94 14.46
N ASN A 233 -14.93 17.66 13.32
CA ASN A 233 -15.24 18.37 12.09
C ASN A 233 -16.66 18.04 11.59
N LYS A 234 -16.97 16.75 11.54
CA LYS A 234 -18.20 16.29 10.91
C LYS A 234 -19.09 15.51 11.87
N SER A 235 -18.52 15.14 13.02
CA SER A 235 -19.18 14.32 14.03
C SER A 235 -19.20 15.05 15.36
N ASN A 236 -20.11 14.64 16.23
CA ASN A 236 -20.20 15.20 17.58
C ASN A 236 -20.50 16.70 17.58
N THR A 237 -21.37 17.09 16.65
CA THR A 237 -21.81 18.47 16.55
C THR A 237 -22.45 18.94 17.86
N LYS A 238 -22.35 20.23 18.15
CA LYS A 238 -22.87 20.76 19.41
C LYS A 238 -24.34 20.44 19.66
N ASP A 239 -25.20 20.56 18.64
CA ASP A 239 -26.62 20.21 18.81
C ASP A 239 -26.78 18.74 19.25
N PHE A 240 -25.93 17.85 18.72
CA PHE A 240 -26.07 16.42 19.01
C PHE A 240 -25.73 16.16 20.46
N ILE A 241 -24.62 16.73 20.93
CA ILE A 241 -24.26 16.54 22.33
C ILE A 241 -25.19 17.30 23.29
N LYS A 242 -25.77 18.42 22.84
CA LYS A 242 -26.80 19.07 23.66
C LYS A 242 -28.04 18.19 23.75
N ASN A 243 -28.44 17.58 22.62
CA ASN A 243 -29.62 16.70 22.60
C ASN A 243 -29.49 15.48 23.49
N LEU A 244 -28.31 14.87 23.47
CA LEU A 244 -28.06 13.68 24.25
C LEU A 244 -27.64 14.04 25.68
N SER A 245 -26.99 15.19 25.84
CA SER A 245 -26.55 15.71 27.15
C SER A 245 -26.00 14.63 28.07
N PRO A 246 -24.94 13.93 27.65
CA PRO A 246 -24.41 12.82 28.46
C PRO A 246 -23.66 13.36 29.69
N SER A 247 -23.54 12.55 30.74
CA SER A 247 -22.66 12.88 31.86
C SER A 247 -21.27 12.32 31.58
N LEU A 248 -21.20 11.29 30.74
CA LEU A 248 -19.96 10.61 30.45
C LEU A 248 -19.82 10.34 28.94
N ILE A 249 -18.67 10.72 28.39
CA ILE A 249 -18.29 10.37 27.02
C ILE A 249 -17.09 9.43 27.05
N VAL A 250 -17.22 8.30 26.37
CA VAL A 250 -16.09 7.40 26.19
C VAL A 250 -15.64 7.52 24.74
N GLN A 251 -14.34 7.76 24.53
CA GLN A 251 -13.76 7.78 23.19
C GLN A 251 -13.04 6.45 22.94
N THR A 252 -13.32 5.80 21.82
CA THR A 252 -12.59 4.60 21.42
C THR A 252 -11.38 5.02 20.60
N SER A 253 -10.45 5.68 21.29
CA SER A 253 -9.33 6.37 20.66
C SER A 253 -8.35 6.76 21.75
N ASP A 254 -7.07 6.87 21.41
CA ASP A 254 -6.10 7.42 22.37
C ASP A 254 -5.93 8.93 22.22
N SER A 255 -6.64 9.50 21.25
CA SER A 255 -6.57 10.93 20.94
C SER A 255 -7.62 11.80 21.67
N LEU A 256 -7.25 13.05 21.90
CA LEU A 256 -8.19 14.07 22.31
C LEU A 256 -9.10 14.38 21.11
N PRO A 257 -10.26 14.99 21.37
CA PRO A 257 -11.10 15.56 20.30
C PRO A 257 -10.23 16.36 19.34
N TRP A 258 -10.44 16.13 18.05
CA TRP A 258 -9.46 16.46 17.03
C TRP A 258 -10.09 17.02 15.76
N LYS A 259 -9.48 18.10 15.29
CA LYS A 259 -9.84 18.75 14.03
C LYS A 259 -8.58 19.47 13.52
N ASN A 260 -7.81 18.81 12.65
CA ASN A 260 -6.48 19.29 12.20
C ASN A 260 -5.58 19.71 13.38
N GLY A 261 -5.52 18.86 14.40
CA GLY A 261 -4.86 19.17 15.66
C GLY A 261 -5.84 19.02 16.79
N VAL A 262 -5.34 19.07 18.03
CA VAL A 262 -6.23 18.99 19.19
C VAL A 262 -7.27 20.11 19.11
N ASP A 263 -8.54 19.76 19.29
CA ASP A 263 -9.58 20.75 19.24
C ASP A 263 -9.80 21.29 20.66
N SER A 264 -8.84 22.08 21.13
CA SER A 264 -8.81 22.59 22.50
C SER A 264 -10.07 23.36 22.90
N GLU A 265 -10.65 24.09 21.95
CA GLU A 265 -11.89 24.82 22.22
C GLU A 265 -13.05 23.86 22.46
N TYR A 266 -13.14 22.81 21.65
CA TYR A 266 -14.15 21.77 21.88
C TYR A 266 -13.90 21.02 23.19
N VAL A 267 -12.64 20.72 23.50
CA VAL A 267 -12.28 20.09 24.79
C VAL A 267 -12.81 20.92 25.97
N ASN A 268 -12.58 22.23 25.93
CA ASN A 268 -13.04 23.14 26.98
C ASN A 268 -14.57 23.27 27.04
N TRP A 269 -15.21 23.31 25.87
CA TRP A 269 -16.67 23.39 25.78
C TRP A 269 -17.34 22.21 26.47
N LEU A 270 -16.73 21.04 26.34
CA LEU A 270 -17.17 19.81 27.00
C LEU A 270 -17.01 19.91 28.52
N LYS A 271 -15.89 20.50 28.97
CA LYS A 271 -15.64 20.67 30.40
C LYS A 271 -16.69 21.61 31.00
N GLU A 272 -16.88 22.76 30.35
CA GLU A 272 -17.81 23.79 30.81
C GLU A 272 -19.18 23.20 31.04
N ARG A 273 -19.40 22.04 30.44
CA ARG A 273 -20.67 21.33 30.46
C ARG A 273 -20.76 20.30 31.58
N GLY A 274 -19.63 20.07 32.27
CA GLY A 274 -19.54 19.07 33.31
C GLY A 274 -19.45 17.65 32.80
N ILE A 275 -19.11 17.48 31.52
CA ILE A 275 -19.04 16.13 30.93
C ILE A 275 -17.70 15.48 31.24
N GLU A 276 -17.75 14.27 31.78
CA GLU A 276 -16.54 13.48 31.98
C GLU A 276 -16.14 12.80 30.66
N ARG A 277 -14.88 12.94 30.28
CA ARG A 277 -14.39 12.38 29.04
C ARG A 277 -13.24 11.42 29.31
N ILE A 278 -13.43 10.17 28.88
CA ILE A 278 -12.49 9.08 29.11
C ILE A 278 -12.00 8.45 27.79
N ASN A 279 -10.69 8.23 27.67
CA ASN A 279 -10.13 7.51 26.53
C ASN A 279 -10.00 6.00 26.76
N ALA A 280 -10.60 5.21 25.86
CA ALA A 280 -10.47 3.76 25.93
C ALA A 280 -9.20 3.31 25.20
N ALA A 281 -8.08 3.51 25.87
CA ALA A 281 -6.77 3.25 25.30
C ALA A 281 -5.89 2.75 26.42
N SER A 282 -5.07 1.74 26.16
CA SER A 282 -4.30 1.12 27.24
C SER A 282 -3.24 0.16 26.72
N LYS A 283 -2.13 0.09 27.44
CA LYS A 283 -1.12 -0.92 27.17
C LYS A 283 -1.24 -2.08 28.16
N ASP A 284 -2.11 -1.94 29.16
CA ASP A 284 -2.15 -2.86 30.31
C ASP A 284 -3.44 -3.66 30.45
N TYR A 285 -4.56 -3.11 29.98
CA TYR A 285 -5.83 -3.80 30.08
C TYR A 285 -6.58 -3.84 28.76
N ASP A 286 -7.23 -4.98 28.52
CA ASP A 286 -7.91 -5.23 27.25
C ASP A 286 -9.10 -4.31 27.02
N ALA A 287 -9.70 -3.82 28.10
CA ALA A 287 -10.95 -3.06 27.99
C ALA A 287 -11.16 -2.01 29.07
N THR A 288 -11.83 -0.92 28.66
CA THR A 288 -12.38 0.01 29.61
C THR A 288 -13.79 -0.49 29.97
N VAL A 289 -13.96 -0.89 31.24
CA VAL A 289 -15.17 -1.61 31.67
C VAL A 289 -16.00 -0.82 32.68
N PHE A 290 -17.29 -0.67 32.42
CA PHE A 290 -18.20 -0.04 33.37
C PHE A 290 -19.26 -1.03 33.85
N ASP A 291 -19.38 -1.12 35.18
CA ASP A 291 -20.52 -1.78 35.84
C ASP A 291 -21.69 -0.80 35.78
N ILE A 292 -22.79 -1.21 35.16
CA ILE A 292 -23.94 -0.33 35.00
C ILE A 292 -24.92 -0.56 36.16
N ARG A 293 -24.77 0.25 37.20
CA ARG A 293 -25.59 0.14 38.41
C ARG A 293 -26.65 1.24 38.42
N LYS A 294 -27.74 0.99 39.14
CA LYS A 294 -28.78 2.00 39.35
C LYS A 294 -28.21 3.32 39.91
N ASP A 295 -27.21 3.21 40.78
CA ASP A 295 -26.62 4.38 41.41
C ASP A 295 -25.42 4.96 40.63
N GLY A 296 -25.26 4.49 39.39
CA GLY A 296 -24.25 5.03 38.50
C GLY A 296 -23.31 4.03 37.84
N PHE A 297 -22.49 4.53 36.93
CA PHE A 297 -21.47 3.73 36.24
C PHE A 297 -20.20 3.64 37.09
N VAL A 298 -19.74 2.42 37.33
CA VAL A 298 -18.49 2.23 38.07
C VAL A 298 -17.43 1.70 37.13
N ASN A 299 -16.30 2.40 37.06
CA ASN A 299 -15.13 1.93 36.30
C ASN A 299 -14.46 0.74 36.97
N ILE A 300 -14.71 -0.45 36.43
CA ILE A 300 -14.14 -1.65 37.01
C ILE A 300 -13.01 -2.24 36.13
N SER A 301 -12.38 -1.42 35.30
CA SER A 301 -11.39 -1.92 34.34
C SER A 301 -10.29 -2.76 34.97
N THR A 302 -9.73 -2.29 36.08
CA THR A 302 -8.58 -2.97 36.68
C THR A 302 -8.96 -4.19 37.51
N SER A 303 -10.25 -4.53 37.58
CA SER A 303 -10.69 -5.74 38.25
C SER A 303 -10.45 -7.00 37.40
N TYR A 304 -9.97 -6.82 36.16
CA TYR A 304 -9.66 -7.93 35.26
C TYR A 304 -8.16 -8.15 35.20
N LYS A 305 -7.75 -9.31 34.70
CA LYS A 305 -6.34 -9.63 34.50
C LYS A 305 -5.70 -8.67 33.50
N PRO A 306 -4.52 -8.15 33.81
CA PRO A 306 -3.76 -7.33 32.87
C PRO A 306 -3.36 -8.13 31.63
N ILE A 307 -2.97 -7.43 30.56
CA ILE A 307 -2.49 -8.07 29.36
C ILE A 307 -1.20 -8.81 29.74
N PRO A 308 -1.07 -10.07 29.30
CA PRO A 308 0.13 -10.86 29.58
C PRO A 308 1.40 -10.29 28.98
N SER A 309 2.53 -10.62 29.61
CA SER A 309 3.82 -10.29 29.02
C SER A 309 4.03 -11.11 27.75
N PHE A 310 4.94 -10.64 26.90
CA PHE A 310 5.33 -11.40 25.72
C PHE A 310 6.83 -11.27 25.48
N GLN A 311 7.43 -12.26 24.80
CA GLN A 311 8.82 -12.18 24.38
C GLN A 311 8.91 -11.49 23.00
N ALA A 312 9.51 -10.30 22.95
CA ALA A 312 9.60 -9.56 21.70
C ALA A 312 10.53 -10.25 20.69
N GLY A 313 10.46 -9.83 19.43
CA GLY A 313 11.40 -10.26 18.42
C GLY A 313 10.91 -11.35 17.48
N TRP A 314 11.86 -11.98 16.80
CA TRP A 314 11.57 -13.02 15.83
C TRP A 314 11.31 -14.33 16.52
N HIS A 315 10.35 -15.08 15.99
CA HIS A 315 10.00 -16.39 16.53
C HIS A 315 9.85 -17.38 15.40
N LYS A 316 10.32 -18.61 15.65
CA LYS A 316 10.24 -19.66 14.65
C LYS A 316 9.11 -20.62 15.01
N SER A 317 8.17 -20.79 14.09
CA SER A 317 7.03 -21.68 14.32
C SER A 317 7.47 -23.14 14.33
N ALA A 318 6.55 -24.02 14.75
CA ALA A 318 6.79 -25.46 14.77
C ALA A 318 7.02 -26.01 13.37
N TYR A 319 6.62 -25.23 12.37
CA TYR A 319 6.71 -25.66 10.98
C TYR A 319 7.85 -25.00 10.21
N GLY A 320 8.71 -24.30 10.93
CA GLY A 320 9.94 -23.75 10.37
C GLY A 320 9.81 -22.36 9.79
N ASN A 321 8.65 -21.73 10.00
CA ASN A 321 8.42 -20.40 9.44
C ASN A 321 8.63 -19.32 10.50
N TRP A 322 8.74 -18.06 10.06
CA TRP A 322 9.03 -16.97 10.98
C TRP A 322 7.84 -16.05 11.19
N TRP A 323 7.66 -15.62 12.43
CA TRP A 323 6.73 -14.55 12.76
C TRP A 323 7.44 -13.58 13.73
N TYR A 324 6.81 -12.45 14.02
CA TYR A 324 7.49 -11.36 14.73
C TYR A 324 6.55 -10.56 15.65
N GLN A 325 7.03 -10.26 16.85
CA GLN A 325 6.31 -9.38 17.77
C GLN A 325 7.19 -8.19 18.09
N ALA A 326 6.80 -7.01 17.62
CA ALA A 326 7.55 -5.78 17.87
C ALA A 326 7.62 -5.44 19.36
N PRO A 327 8.78 -5.00 19.85
CA PRO A 327 8.94 -4.56 21.24
C PRO A 327 7.94 -3.45 21.63
N ASP A 328 7.50 -2.62 20.68
CA ASP A 328 6.53 -1.58 21.04
C ASP A 328 5.05 -2.01 20.94
N SER A 329 4.81 -3.27 20.59
CA SER A 329 3.45 -3.81 20.59
C SER A 329 3.06 -4.24 22.01
N THR A 330 1.85 -4.77 22.18
CA THR A 330 1.43 -5.41 23.42
C THR A 330 1.20 -6.91 23.16
N GLY A 331 1.94 -7.46 22.21
CA GLY A 331 1.85 -8.86 21.86
C GLY A 331 1.36 -9.13 20.45
N GLU A 332 0.68 -8.15 19.87
CA GLU A 332 0.15 -8.27 18.50
C GLU A 332 1.28 -8.52 17.49
N TYR A 333 1.06 -9.45 16.56
CA TYR A 333 2.11 -9.81 15.60
C TYR A 333 2.05 -9.00 14.30
N ALA A 334 3.20 -8.91 13.63
CA ALA A 334 3.38 -8.13 12.42
C ALA A 334 2.69 -8.80 11.24
N VAL A 335 2.00 -7.99 10.44
CA VAL A 335 1.39 -8.44 9.18
C VAL A 335 1.66 -7.39 8.13
N GLY A 336 1.65 -7.79 6.86
CA GLY A 336 2.00 -6.92 5.75
C GLY A 336 3.45 -6.42 5.87
N TRP A 337 3.71 -5.25 5.29
CA TRP A 337 5.04 -4.67 5.24
C TRP A 337 5.45 -4.10 6.59
N ASN A 338 6.64 -4.43 7.06
CA ASN A 338 7.14 -3.92 8.34
C ASN A 338 8.64 -3.67 8.29
N GLU A 339 9.06 -2.47 8.67
CA GLU A 339 10.48 -2.15 8.70
C GLU A 339 11.05 -2.60 10.03
N ILE A 340 11.99 -3.53 9.99
CA ILE A 340 12.62 -4.08 11.20
C ILE A 340 14.12 -3.96 11.15
N GLU A 341 14.66 -3.13 12.03
CA GLU A 341 16.10 -2.86 12.09
C GLU A 341 16.70 -2.64 10.71
N GLY A 342 16.10 -1.73 9.95
CA GLY A 342 16.71 -1.23 8.73
C GLY A 342 16.42 -2.03 7.46
N GLU A 343 15.71 -3.14 7.58
CA GLU A 343 15.27 -3.89 6.41
C GLU A 343 13.76 -3.93 6.35
N TRP A 344 13.23 -4.14 5.15
CA TRP A 344 11.79 -4.26 4.94
C TRP A 344 11.39 -5.70 4.72
N TYR A 345 10.41 -6.15 5.48
CA TYR A 345 9.95 -7.53 5.47
C TYR A 345 8.46 -7.57 5.18
N TYR A 346 8.03 -8.56 4.41
CA TYR A 346 6.62 -8.77 4.20
C TYR A 346 6.13 -10.04 4.85
N PHE A 347 5.10 -9.87 5.70
CA PHE A 347 4.44 -10.96 6.38
C PHE A 347 3.06 -11.10 5.79
N ASN A 348 2.59 -12.33 5.59
CA ASN A 348 1.22 -12.55 5.14
C ASN A 348 0.19 -12.20 6.24
N GLN A 349 -1.09 -12.35 5.90
CA GLN A 349 -2.20 -11.92 6.74
C GLN A 349 -2.34 -12.73 8.02
N THR A 350 -1.71 -13.91 8.05
CA THR A 350 -1.66 -14.74 9.26
C THR A 350 -0.36 -14.53 10.04
N GLY A 351 0.52 -13.64 9.57
CA GLY A 351 1.70 -13.27 10.33
C GLY A 351 2.97 -14.03 9.98
N ILE A 352 2.93 -14.84 8.93
CA ILE A 352 4.10 -15.59 8.49
C ILE A 352 4.95 -14.79 7.52
N LEU A 353 6.25 -14.75 7.80
CA LEU A 353 7.24 -14.08 6.96
C LEU A 353 7.40 -14.80 5.63
N LEU A 354 7.35 -14.05 4.53
CA LEU A 354 7.62 -14.61 3.22
C LEU A 354 9.11 -14.53 2.93
N GLN A 355 9.64 -15.64 2.44
CA GLN A 355 11.07 -15.72 2.15
C GLN A 355 11.29 -16.34 0.78
N ASN A 356 12.38 -15.96 0.12
CA ASN A 356 12.85 -16.57 -1.13
C ASN A 356 11.78 -16.62 -2.23
N GLN A 357 11.20 -15.47 -2.54
CA GLN A 357 10.13 -15.41 -3.54
C GLN A 357 9.84 -14.00 -4.02
N TRP A 358 9.38 -13.93 -5.28
CA TRP A 358 8.81 -12.71 -5.83
C TRP A 358 7.45 -12.44 -5.16
N LYS A 359 7.12 -11.16 -5.04
CA LYS A 359 5.85 -10.72 -4.48
C LYS A 359 5.38 -9.51 -5.26
N LYS A 360 4.19 -9.60 -5.84
CA LYS A 360 3.59 -8.41 -6.44
C LYS A 360 2.73 -7.69 -5.41
N TRP A 361 2.89 -6.37 -5.33
CA TRP A 361 2.22 -5.56 -4.32
C TRP A 361 1.99 -4.15 -4.86
N ASN A 362 0.76 -3.67 -4.79
CA ASN A 362 0.40 -2.34 -5.29
C ASN A 362 1.04 -2.03 -6.67
N ASN A 363 0.92 -2.98 -7.59
CA ASN A 363 1.39 -2.82 -8.98
C ASN A 363 2.91 -2.77 -9.20
N HIS A 364 3.67 -3.23 -8.21
CA HIS A 364 5.13 -3.36 -8.35
C HIS A 364 5.61 -4.72 -7.86
N TRP A 365 6.77 -5.14 -8.36
CA TRP A 365 7.36 -6.41 -7.99
C TRP A 365 8.45 -6.20 -6.94
N PHE A 366 8.47 -7.10 -5.96
CA PHE A 366 9.49 -7.10 -4.91
C PHE A 366 10.07 -8.50 -4.81
N TYR A 367 11.34 -8.59 -4.44
CA TYR A 367 11.91 -9.90 -4.18
C TYR A 367 12.33 -10.05 -2.72
N LEU A 368 11.72 -11.01 -2.02
CA LEU A 368 12.04 -11.30 -0.63
C LEU A 368 13.16 -12.33 -0.58
N THR A 369 14.29 -11.93 -0.02
CA THR A 369 15.51 -12.75 -0.05
C THR A 369 15.45 -13.84 1.01
N ASP A 370 16.56 -14.56 1.15
CA ASP A 370 16.70 -15.67 2.10
C ASP A 370 16.16 -15.33 3.49
N SER A 371 16.54 -14.16 3.99
CA SER A 371 16.17 -13.74 5.35
C SER A 371 14.78 -13.14 5.42
N GLY A 372 14.16 -12.95 4.25
CA GLY A 372 12.88 -12.26 4.14
C GLY A 372 13.05 -10.83 3.70
N ALA A 373 14.22 -10.25 3.95
CA ALA A 373 14.48 -8.85 3.64
C ALA A 373 14.27 -8.58 2.16
N SER A 374 13.49 -7.57 1.85
CA SER A 374 13.21 -7.20 0.47
C SER A 374 14.49 -6.69 -0.21
N ALA A 375 14.74 -7.18 -1.43
CA ALA A 375 15.95 -6.81 -2.16
C ALA A 375 16.04 -5.30 -2.38
N LYS A 376 17.27 -4.79 -2.39
CA LYS A 376 17.55 -3.39 -2.66
C LYS A 376 18.75 -3.35 -3.61
N ASN A 377 18.72 -2.41 -4.55
CA ASN A 377 19.79 -2.25 -5.54
C ASN A 377 20.04 -3.58 -6.32
N TRP A 378 21.10 -3.69 -7.09
CA TRP A 378 21.30 -4.91 -7.89
C TRP A 378 21.13 -6.26 -7.14
N LYS A 379 20.37 -7.15 -7.76
CA LYS A 379 20.19 -8.49 -7.22
C LYS A 379 20.08 -9.48 -8.36
N LYS A 380 20.84 -10.56 -8.26
CA LYS A 380 20.79 -11.64 -9.24
C LYS A 380 19.89 -12.75 -8.73
N ILE A 381 18.84 -13.04 -9.50
CA ILE A 381 17.79 -14.00 -9.14
C ILE A 381 17.60 -15.01 -10.27
N ASP A 382 17.72 -16.29 -9.94
CA ASP A 382 17.60 -17.37 -10.92
C ASP A 382 18.43 -17.10 -12.18
N GLY A 383 19.62 -16.54 -12.00
CA GLY A 383 20.57 -16.36 -13.08
C GLY A 383 20.48 -15.05 -13.83
N ILE A 384 19.58 -14.17 -13.40
CA ILE A 384 19.35 -12.90 -14.09
C ILE A 384 19.51 -11.70 -13.17
N TRP A 385 20.08 -10.63 -13.70
CA TRP A 385 20.26 -9.40 -12.97
C TRP A 385 19.01 -8.52 -12.99
N TYR A 386 18.60 -8.08 -11.79
CA TYR A 386 17.50 -7.13 -11.61
C TYR A 386 17.95 -5.94 -10.77
N TYR A 387 17.24 -4.82 -10.92
CA TYR A 387 17.51 -3.64 -10.13
C TYR A 387 16.27 -3.11 -9.38
N PHE A 388 16.44 -2.95 -8.07
CA PHE A 388 15.38 -2.53 -7.18
C PHE A 388 15.69 -1.13 -6.65
N ASN A 389 14.73 -0.22 -6.79
CA ASN A 389 14.93 1.17 -6.36
C ASN A 389 15.02 1.34 -4.83
N LYS A 390 15.14 2.59 -4.38
CA LYS A 390 15.28 2.90 -2.95
C LYS A 390 14.06 2.45 -2.15
N GLU A 391 12.93 2.23 -2.83
CA GLU A 391 11.72 1.70 -2.19
C GLU A 391 11.48 0.22 -2.51
N ASN A 392 12.53 -0.50 -2.86
CA ASN A 392 12.47 -1.95 -3.07
C ASN A 392 11.69 -2.43 -4.31
N GLN A 393 11.22 -1.49 -5.12
CA GLN A 393 10.44 -1.83 -6.32
C GLN A 393 11.36 -2.25 -7.44
N MET A 394 11.03 -3.36 -8.12
CA MET A 394 11.78 -3.79 -9.30
C MET A 394 11.64 -2.71 -10.37
N GLU A 395 12.77 -2.22 -10.88
CA GLU A 395 12.76 -1.17 -11.90
C GLU A 395 12.61 -1.73 -13.31
N ILE A 396 11.93 -0.98 -14.18
CA ILE A 396 11.94 -1.26 -15.61
C ILE A 396 12.25 0.03 -16.34
N GLY A 397 12.89 -0.08 -17.50
CA GLY A 397 13.27 1.07 -18.30
C GLY A 397 14.65 1.58 -17.92
N TRP A 398 14.89 2.87 -18.18
CA TRP A 398 16.19 3.51 -17.94
C TRP A 398 16.43 3.79 -16.44
N VAL A 399 17.58 3.37 -15.93
CA VAL A 399 17.96 3.60 -14.54
C VAL A 399 19.41 4.11 -14.51
N GLN A 400 19.66 5.17 -13.77
CA GLN A 400 21.02 5.66 -13.55
C GLN A 400 21.50 5.21 -12.18
N ASP A 401 22.65 4.55 -12.16
CA ASP A 401 23.24 4.10 -10.91
C ASP A 401 24.76 4.23 -10.93
N LYS A 402 25.28 4.96 -9.95
CA LYS A 402 26.72 5.18 -9.78
C LYS A 402 27.31 5.74 -11.08
N GLU A 403 26.72 6.84 -11.54
CA GLU A 403 27.24 7.60 -12.68
C GLU A 403 27.36 6.76 -13.98
N GLN A 404 26.46 5.78 -14.12
CA GLN A 404 26.34 4.94 -15.31
C GLN A 404 24.85 4.67 -15.59
N TRP A 405 24.51 4.49 -16.86
CA TRP A 405 23.12 4.23 -17.23
C TRP A 405 22.90 2.76 -17.55
N TYR A 406 21.74 2.26 -17.15
CA TYR A 406 21.34 0.88 -17.42
C TYR A 406 19.92 0.90 -17.97
N TYR A 407 19.55 -0.19 -18.61
CA TYR A 407 18.18 -0.35 -19.10
C TYR A 407 17.65 -1.72 -18.69
N LEU A 408 16.50 -1.71 -18.03
CA LEU A 408 15.86 -2.94 -17.62
C LEU A 408 14.66 -3.23 -18.50
N ASP A 409 14.59 -4.47 -18.97
CA ASP A 409 13.52 -4.91 -19.85
C ASP A 409 12.17 -4.90 -19.13
N VAL A 410 11.10 -5.07 -19.90
CA VAL A 410 9.73 -5.10 -19.42
C VAL A 410 9.50 -6.06 -18.23
N ASP A 411 10.25 -7.16 -18.20
CA ASP A 411 10.16 -8.16 -17.11
C ASP A 411 11.15 -7.90 -15.97
N GLY A 412 11.84 -6.77 -16.03
CA GLY A 412 12.82 -6.40 -15.04
C GLY A 412 14.25 -6.83 -15.35
N SER A 413 14.43 -7.74 -16.31
CA SER A 413 15.77 -8.27 -16.60
C SER A 413 16.68 -7.23 -17.27
N MET A 414 17.93 -7.15 -16.80
CA MET A 414 18.90 -6.19 -17.30
C MET A 414 19.22 -6.40 -18.79
N LYS A 415 19.16 -5.32 -19.57
CA LYS A 415 19.48 -5.39 -20.99
C LYS A 415 20.98 -5.31 -21.24
N THR A 416 21.49 -6.21 -22.09
CA THR A 416 22.84 -6.08 -22.65
C THR A 416 22.74 -6.13 -24.18
N GLY A 417 23.74 -5.59 -24.87
CA GLY A 417 23.76 -5.61 -26.33
C GLY A 417 23.02 -4.42 -26.91
N TRP A 418 22.47 -4.59 -28.12
CA TRP A 418 21.79 -3.50 -28.83
C TRP A 418 20.38 -3.27 -28.37
N LEU A 419 20.02 -1.99 -28.27
CA LEU A 419 18.65 -1.58 -27.97
C LEU A 419 18.23 -0.47 -28.92
N GLN A 420 17.09 -0.65 -29.57
CA GLN A 420 16.47 0.47 -30.30
C GLN A 420 15.45 1.09 -29.34
N TYR A 421 15.69 2.31 -28.90
CA TYR A 421 14.84 2.81 -27.83
C TYR A 421 13.71 3.71 -28.33
N MET A 422 14.01 4.95 -28.65
CA MET A 422 12.98 5.84 -29.18
C MET A 422 13.46 6.28 -30.55
N GLY A 423 13.60 5.30 -31.44
CA GLY A 423 14.07 5.53 -32.79
C GLY A 423 15.57 5.69 -32.87
N GLN A 424 16.28 5.44 -31.78
CA GLN A 424 17.74 5.52 -31.81
C GLN A 424 18.39 4.25 -31.22
N TRP A 425 19.68 4.03 -31.50
CA TRP A 425 20.35 2.79 -31.08
C TRP A 425 21.35 3.03 -29.95
N TYR A 426 21.31 2.15 -28.93
CA TYR A 426 22.22 2.20 -27.79
C TYR A 426 22.84 0.83 -27.63
N TYR A 427 23.97 0.75 -26.93
CA TYR A 427 24.64 -0.51 -26.73
C TYR A 427 25.10 -0.63 -25.28
N PHE A 428 24.75 -1.76 -24.68
CA PHE A 428 25.04 -1.98 -23.27
C PHE A 428 26.08 -3.07 -23.13
N ALA A 429 27.10 -2.79 -22.32
CA ALA A 429 28.16 -3.77 -22.00
C ALA A 429 27.57 -5.05 -21.40
N PRO A 430 28.34 -6.14 -21.36
CA PRO A 430 27.86 -7.39 -20.75
C PRO A 430 27.52 -7.21 -19.27
N SER A 431 28.17 -6.25 -18.61
CA SER A 431 27.86 -5.91 -17.23
C SER A 431 26.73 -4.86 -17.11
N GLY A 432 26.14 -4.48 -18.24
CA GLY A 432 24.94 -3.67 -18.24
C GLY A 432 25.05 -2.21 -18.61
N GLU A 433 26.21 -1.60 -18.34
CA GLU A 433 26.41 -0.16 -18.56
C GLU A 433 26.26 0.22 -20.01
N MET A 434 25.60 1.34 -20.24
CA MET A 434 25.45 1.92 -21.56
C MET A 434 26.78 2.50 -22.00
N LYS A 435 27.28 2.02 -23.13
CA LYS A 435 28.59 2.44 -23.63
C LYS A 435 28.54 3.77 -24.39
N MET A 436 29.55 4.60 -24.14
CA MET A 436 29.78 5.82 -24.91
C MET A 436 31.13 5.73 -25.64
N GLY A 437 31.28 6.48 -26.72
CA GLY A 437 32.53 6.48 -27.48
C GLY A 437 32.67 5.26 -28.37
N TRP A 438 33.90 4.80 -28.54
CA TRP A 438 34.18 3.65 -29.38
C TRP A 438 33.77 2.36 -28.69
N VAL A 439 32.98 1.55 -29.38
CA VAL A 439 32.58 0.22 -28.86
C VAL A 439 32.71 -0.83 -29.98
N LYS A 440 33.29 -1.96 -29.60
CA LYS A 440 33.39 -3.04 -30.53
C LYS A 440 32.29 -4.06 -30.23
N ASP A 441 31.49 -4.36 -31.24
CA ASP A 441 30.48 -5.43 -31.18
C ASP A 441 30.93 -6.41 -32.23
N LYS A 442 31.05 -7.68 -31.82
CA LYS A 442 31.55 -8.72 -32.76
C LYS A 442 32.83 -8.15 -33.40
N GLU A 443 32.94 -8.06 -34.72
CA GLU A 443 34.19 -7.55 -35.30
C GLU A 443 33.93 -6.27 -36.10
N THR A 444 33.12 -5.39 -35.50
CA THR A 444 32.80 -4.10 -36.07
C THR A 444 32.87 -3.03 -34.99
N TRP A 445 33.38 -1.86 -35.35
CA TRP A 445 33.41 -0.73 -34.46
C TRP A 445 32.23 0.21 -34.73
N TYR A 446 31.77 0.84 -33.64
CA TYR A 446 30.68 1.79 -33.67
C TYR A 446 31.10 2.95 -32.79
N TYR A 447 30.47 4.10 -32.97
CA TYR A 447 30.76 5.26 -32.13
C TYR A 447 29.48 5.85 -31.55
N MET A 448 29.37 5.83 -30.22
CA MET A 448 28.20 6.35 -29.51
C MET A 448 28.52 7.72 -28.94
N ASP A 449 27.59 8.66 -29.07
CA ASP A 449 27.83 10.01 -28.56
C ASP A 449 27.73 10.09 -27.03
N SER A 450 27.93 11.29 -26.48
CA SER A 450 27.89 11.55 -25.04
C SER A 450 26.66 10.98 -24.32
N THR A 451 25.54 10.84 -25.03
CA THR A 451 24.30 10.35 -24.42
C THR A 451 24.02 8.87 -24.73
N GLY A 452 24.97 8.20 -25.37
CA GLY A 452 24.83 6.79 -25.73
C GLY A 452 24.27 6.49 -27.11
N VAL A 453 23.86 7.53 -27.84
CA VAL A 453 23.24 7.33 -29.15
C VAL A 453 24.27 6.95 -30.21
N MET A 454 24.04 5.82 -30.87
CA MET A 454 24.91 5.37 -31.95
C MET A 454 24.94 6.45 -33.03
N LYS A 455 26.13 6.81 -33.46
CA LYS A 455 26.28 7.82 -34.50
C LYS A 455 26.40 7.22 -35.89
N THR A 456 26.13 8.06 -36.87
CA THR A 456 26.11 7.69 -38.26
C THR A 456 26.80 8.84 -39.04
N GLY A 457 27.43 8.53 -40.17
CA GLY A 457 28.03 9.54 -41.03
C GLY A 457 29.46 9.91 -40.67
N GLU A 458 29.96 11.01 -41.20
CA GLU A 458 31.32 11.45 -40.91
C GLU A 458 31.39 12.03 -39.51
N ILE A 459 32.47 11.69 -38.81
CA ILE A 459 32.76 12.24 -37.48
C ILE A 459 34.24 12.55 -37.36
N GLU A 460 34.56 13.44 -36.42
CA GLU A 460 35.93 13.74 -36.05
C GLU A 460 36.12 13.61 -34.55
N VAL A 461 37.08 12.79 -34.15
CA VAL A 461 37.41 12.66 -32.73
C VAL A 461 38.92 12.73 -32.53
N ALA A 462 39.34 13.63 -31.64
CA ALA A 462 40.75 13.84 -31.30
C ALA A 462 41.63 13.99 -32.54
N GLY A 463 41.25 14.93 -33.41
CA GLY A 463 42.05 15.26 -34.59
C GLY A 463 42.00 14.31 -35.78
N GLN A 464 41.33 13.16 -35.64
CA GLN A 464 41.19 12.21 -36.74
C GLN A 464 39.77 12.11 -37.27
N HIS A 465 39.65 11.70 -38.53
CA HIS A 465 38.35 11.62 -39.20
C HIS A 465 37.95 10.19 -39.50
N TYR A 466 36.68 9.89 -39.27
CA TYR A 466 36.13 8.56 -39.48
C TYR A 466 34.82 8.64 -40.27
N TYR A 467 34.49 7.55 -40.96
CA TYR A 467 33.20 7.45 -41.61
C TYR A 467 32.45 6.27 -41.02
N LEU A 468 31.25 6.56 -40.54
CA LEU A 468 30.35 5.52 -40.06
C LEU A 468 29.22 5.37 -41.07
N GLU A 469 29.01 4.13 -41.51
CA GLU A 469 27.95 3.83 -42.46
C GLU A 469 26.57 4.01 -41.80
N ASP A 470 25.51 3.96 -42.60
CA ASP A 470 24.15 4.18 -42.11
C ASP A 470 23.72 3.23 -41.00
N SER A 471 24.36 2.06 -40.97
CA SER A 471 24.14 1.06 -39.93
C SER A 471 24.95 1.37 -38.68
N GLY A 472 25.87 2.34 -38.80
CA GLY A 472 26.73 2.73 -37.70
C GLY A 472 28.14 2.18 -37.82
N ALA A 473 28.33 1.22 -38.73
CA ALA A 473 29.61 0.49 -38.83
C ALA A 473 30.73 1.39 -39.34
N MET A 474 31.84 1.38 -38.62
CA MET A 474 33.04 2.15 -38.99
C MET A 474 33.61 1.59 -40.31
N LYS A 475 33.73 2.46 -41.31
CA LYS A 475 34.29 2.12 -42.61
C LYS A 475 35.80 1.89 -42.56
N GLN A 476 36.24 0.83 -43.25
CA GLN A 476 37.65 0.56 -43.50
C GLN A 476 37.84 0.45 -45.01
N GLY A 477 38.92 1.06 -45.51
CA GLY A 477 39.20 1.02 -46.94
C GLY A 477 38.61 2.18 -47.72
N TRP A 478 38.28 1.93 -48.98
CA TRP A 478 37.93 3.00 -49.93
C TRP A 478 36.51 3.51 -49.81
N HIS A 479 36.37 4.84 -49.84
CA HIS A 479 35.04 5.44 -49.79
C HIS A 479 34.94 6.71 -50.64
N LYS A 480 33.89 6.77 -51.46
CA LYS A 480 33.66 7.94 -52.31
C LYS A 480 32.63 8.89 -51.69
N LYS A 481 33.07 10.11 -51.42
CA LYS A 481 32.19 11.18 -50.93
C LYS A 481 32.11 12.14 -52.09
N ALA A 482 30.91 12.33 -52.63
CA ALA A 482 30.82 13.18 -53.82
C ALA A 482 31.75 12.71 -54.93
N ASN A 483 32.60 13.60 -55.38
CA ASN A 483 33.49 13.30 -56.49
C ASN A 483 34.90 12.81 -56.10
N ASP A 484 35.17 12.71 -54.80
CA ASP A 484 36.48 12.34 -54.33
C ASP A 484 36.55 11.05 -53.53
N TRP A 485 37.62 10.31 -53.74
CA TRP A 485 37.88 9.09 -52.99
C TRP A 485 38.73 9.38 -51.76
N TYR A 486 38.40 8.68 -50.68
CA TYR A 486 39.13 8.74 -49.43
C TYR A 486 39.46 7.31 -49.04
N PHE A 487 40.48 7.15 -48.21
CA PHE A 487 40.86 5.83 -47.74
C PHE A 487 40.90 5.82 -46.23
N TYR A 488 40.16 4.90 -45.64
CA TYR A 488 40.13 4.77 -44.19
C TYR A 488 40.98 3.59 -43.76
N LYS A 489 41.92 3.86 -42.86
CA LYS A 489 42.90 2.87 -42.42
C LYS A 489 42.25 1.78 -41.60
N THR A 490 43.04 0.79 -41.16
CA THR A 490 42.49 -0.31 -40.38
C THR A 490 41.86 0.21 -39.09
N ASP A 491 42.49 1.21 -38.47
CA ASP A 491 41.96 1.85 -37.25
C ASP A 491 40.78 2.79 -37.52
N GLY A 492 40.35 2.88 -38.78
CA GLY A 492 39.23 3.72 -39.16
C GLY A 492 39.60 5.13 -39.61
N SER A 493 40.78 5.59 -39.22
CA SER A 493 41.15 6.98 -39.47
C SER A 493 41.44 7.29 -40.94
N ARG A 494 40.99 8.47 -41.35
CA ARG A 494 41.13 8.93 -42.73
C ARG A 494 42.59 9.20 -43.02
N ALA A 495 43.07 8.66 -44.13
CA ALA A 495 44.50 8.71 -44.46
C ALA A 495 44.91 10.01 -45.15
N VAL A 496 46.16 10.39 -44.92
CA VAL A 496 46.80 11.51 -45.63
C VAL A 496 48.21 11.09 -46.07
N GLY A 497 48.63 11.56 -47.25
CA GLY A 497 49.90 11.15 -47.82
C GLY A 497 49.82 9.77 -48.43
N TRP A 498 50.98 9.12 -48.53
CA TRP A 498 51.12 7.85 -49.25
C TRP A 498 50.62 6.66 -48.44
N ILE A 499 49.70 5.91 -49.02
CA ILE A 499 49.33 4.60 -48.46
C ILE A 499 49.44 3.48 -49.49
N LYS A 500 49.71 2.27 -49.00
CA LYS A 500 49.81 1.08 -49.83
C LYS A 500 48.61 0.18 -49.61
N ASP A 501 47.85 -0.03 -50.68
CA ASP A 501 46.71 -0.96 -50.67
C ASP A 501 46.80 -1.92 -51.84
N LYS A 502 46.77 -3.22 -51.54
CA LYS A 502 46.75 -4.27 -52.56
C LYS A 502 47.90 -4.10 -53.56
N ASP A 503 49.10 -3.97 -53.01
CA ASP A 503 50.35 -3.90 -53.79
C ASP A 503 50.42 -2.74 -54.80
N LYS A 504 49.62 -1.70 -54.56
CA LYS A 504 49.70 -0.46 -55.31
C LYS A 504 49.77 0.72 -54.34
N TRP A 505 50.48 1.77 -54.75
CA TRP A 505 50.67 2.96 -53.91
C TRP A 505 49.70 4.07 -54.32
N TYR A 506 49.07 4.70 -53.32
CA TYR A 506 48.10 5.77 -53.54
C TYR A 506 48.47 6.99 -52.71
N PHE A 507 48.28 8.18 -53.28
CA PHE A 507 48.58 9.44 -52.59
C PHE A 507 47.33 10.21 -52.23
N LEU A 508 47.12 10.36 -50.93
CA LEU A 508 46.01 11.15 -50.43
C LEU A 508 46.50 12.55 -50.05
N LYS A 509 45.74 13.57 -50.47
CA LYS A 509 46.10 14.96 -50.24
C LYS A 509 45.89 15.37 -48.78
N GLU A 510 46.31 16.59 -48.45
CA GLU A 510 46.14 17.18 -47.11
C GLU A 510 44.77 16.91 -46.51
N ASN A 511 43.74 17.10 -47.33
CA ASN A 511 42.36 16.97 -46.90
C ASN A 511 41.80 15.54 -47.04
N GLY A 512 42.70 14.56 -47.19
CA GLY A 512 42.33 13.17 -47.32
C GLY A 512 41.84 12.71 -48.68
N GLN A 513 41.65 13.65 -49.62
CA GLN A 513 41.16 13.29 -50.96
C GLN A 513 42.25 12.67 -51.81
N LEU A 514 41.87 11.65 -52.58
CA LEU A 514 42.80 10.94 -53.44
C LEU A 514 43.21 11.79 -54.63
N LEU A 515 44.51 11.93 -54.84
CA LEU A 515 45.02 12.53 -56.06
C LEU A 515 44.80 11.54 -57.21
N VAL A 516 44.16 12.00 -58.29
CA VAL A 516 44.02 11.22 -59.53
C VAL A 516 44.47 12.04 -60.73
N ASN A 517 44.97 11.33 -61.75
CA ASN A 517 45.46 11.90 -63.01
C ASN A 517 46.33 13.14 -62.84
N GLY A 518 47.47 12.95 -62.20
CA GLY A 518 48.33 14.08 -61.90
C GLY A 518 49.64 13.69 -61.26
N LYS A 519 50.35 14.71 -60.80
CA LYS A 519 51.66 14.51 -60.22
C LYS A 519 51.66 14.69 -58.70
N THR A 520 52.34 13.78 -58.02
CA THR A 520 52.53 13.87 -56.58
C THR A 520 53.60 14.92 -56.28
N PRO A 521 53.71 15.36 -55.03
CA PRO A 521 54.71 16.36 -54.65
C PRO A 521 56.15 16.06 -55.09
N GLU A 522 56.52 14.79 -55.20
CA GLU A 522 57.86 14.40 -55.62
C GLU A 522 57.99 14.21 -57.13
N GLY A 523 56.87 14.35 -57.84
CA GLY A 523 56.84 14.28 -59.29
C GLY A 523 56.54 12.92 -59.89
N TYR A 524 56.04 11.98 -59.08
CA TYR A 524 55.55 10.70 -59.59
C TYR A 524 54.19 10.90 -60.26
N THR A 525 53.79 9.98 -61.12
CA THR A 525 52.50 10.08 -61.80
C THR A 525 51.52 9.03 -61.26
N VAL A 526 50.27 9.43 -61.09
CA VAL A 526 49.22 8.48 -60.72
C VAL A 526 48.14 8.40 -61.78
N ASP A 527 47.61 7.20 -61.99
CA ASP A 527 46.58 6.97 -63.01
C ASP A 527 45.18 7.42 -62.55
N SER A 528 44.16 7.03 -63.32
CA SER A 528 42.78 7.48 -63.09
C SER A 528 42.18 6.94 -61.80
N SER A 529 42.76 5.84 -61.31
CA SER A 529 42.33 5.21 -60.08
C SER A 529 43.12 5.74 -58.89
N GLY A 530 44.06 6.64 -59.18
CA GLY A 530 44.96 7.19 -58.18
C GLY A 530 46.20 6.33 -57.91
N ALA A 531 46.31 5.20 -58.59
CA ALA A 531 47.47 4.31 -58.43
C ALA A 531 48.73 4.88 -59.07
N TRP A 532 49.85 4.71 -58.39
CA TRP A 532 51.14 5.19 -58.87
C TRP A 532 51.59 4.34 -60.06
N LEU A 533 51.87 5.02 -61.17
CA LEU A 533 52.43 4.36 -62.35
C LEU A 533 53.94 4.22 -62.17
N VAL A 534 54.32 3.06 -61.68
CA VAL A 534 55.70 2.72 -61.31
C VAL A 534 56.70 2.81 -62.47
N ASP A 535 56.25 2.50 -63.68
CA ASP A 535 57.11 2.49 -64.88
C ASP A 535 57.45 3.89 -65.36
N VAL A 536 56.56 4.83 -65.08
CA VAL A 536 56.73 6.23 -65.50
C VAL A 536 57.81 6.88 -64.64
N SER A 537 58.79 7.46 -65.31
CA SER A 537 59.92 8.10 -64.66
C SER A 537 59.50 9.35 -63.86
N ILE A 538 60.16 9.56 -62.73
CA ILE A 538 60.01 10.77 -61.93
C ILE A 538 60.21 12.02 -62.80
N GLU A 539 59.30 12.98 -62.69
CA GLU A 539 59.36 14.20 -63.49
C GLU A 539 58.91 15.44 -62.70
N LYS A 540 59.84 16.37 -62.49
CA LYS A 540 59.53 17.62 -61.80
C LYS A 540 59.33 18.78 -62.79
N SER A 541 59.76 18.70 -63.95
#